data_6B3X
#
_entry.id   6B3X
#
_cell.length_a   43.863
_cell.length_b   74.491
_cell.length_c   95.105
_cell.angle_alpha   90.00
_cell.angle_beta   90.00
_cell.angle_gamma   90.00
#
_symmetry.space_group_name_H-M   'P 21 21 21'
#
loop_
_entity.id
_entity.type
_entity.pdbx_description
1 polymer 'Cleavage stimulation factor subunit 1'
2 polymer 'Cleavage stimulation factor subunit 3'
3 water water
#
loop_
_entity_poly.entity_id
_entity_poly.type
_entity_poly.pdbx_seq_one_letter_code
_entity_poly.pdbx_strand_id
1 'polypeptide(L)'
;GSHMEFGIDLEFDADVQTMSPEASEYETCYVTSHKGPCRVATYSRDGQLIATGSADASIKILDTERMLAKSAMPIEVMMN
ETAQQNMENHPVIRTLYDHVDEVTCLAFHPTEQILASGSRDYTLKLFDYSKPSAKRAFKYIQEAEMLRSISFHPSGDFIL
VGTQHPTLRLYDINTFQCFVSCNPQDQHTDAICSVNYNSSANMYVTGSKDGCIKLWDGVSNRCITTFEKAHDGAEVCSAI
FSKNSKYILSSGKDSVAKLWEISTGRTLVRYTGAGLSGRQVHRTQAVFNHTEDYVLLPDERTISLCCWDSRTAERRNLLS
LGHNNIVRCIVHSPTNPGFMTCSDDFRARFWYRRSTTD
;
A
2 'polypeptide(L)' YPKPDTQQMIPFQPRHLAPP B
#
# COMPACT_ATOMS: atom_id res chain seq x y z
N GLU A 5 16.11 3.26 11.73
CA GLU A 5 16.69 1.95 11.29
C GLU A 5 16.42 0.84 12.32
N PHE A 6 15.30 0.97 13.04
CA PHE A 6 14.80 -0.08 13.92
C PHE A 6 13.82 -0.92 13.13
N GLY A 7 14.11 -2.21 12.98
CA GLY A 7 13.29 -3.10 12.17
C GLY A 7 13.42 -4.57 12.54
N ILE A 8 12.57 -5.40 11.97
CA ILE A 8 12.62 -6.84 12.24
C ILE A 8 13.82 -7.50 11.56
N ASP A 9 14.59 -8.25 12.35
CA ASP A 9 15.73 -9.01 11.87
C ASP A 9 15.84 -10.32 12.67
N LEU A 10 15.25 -11.38 12.12
CA LEU A 10 15.17 -12.68 12.80
C LEU A 10 16.50 -13.42 12.81
N GLU A 11 17.43 -12.98 11.96
CA GLU A 11 18.76 -13.55 11.92
C GLU A 11 19.59 -13.06 13.11
N PHE A 12 19.39 -11.79 13.48
CA PHE A 12 20.10 -11.18 14.62
C PHE A 12 19.12 -10.49 15.56
N GLN A 17 12.89 -8.24 22.69
CA GLN A 17 11.87 -7.34 23.23
C GLN A 17 11.51 -6.22 22.25
N THR A 18 10.22 -5.97 22.09
CA THR A 18 9.74 -4.92 21.19
C THR A 18 10.01 -3.54 21.77
N MET A 19 10.00 -2.51 20.92
CA MET A 19 10.33 -1.16 21.35
C MET A 19 9.30 -0.11 20.91
N SER A 20 8.04 -0.53 20.89
CA SER A 20 6.94 0.33 20.43
C SER A 20 5.60 -0.15 21.00
N PRO A 21 4.58 0.72 21.01
CA PRO A 21 3.27 0.33 21.52
C PRO A 21 2.46 -0.60 20.62
N GLU A 22 1.82 -1.59 21.22
CA GLU A 22 0.79 -2.40 20.55
C GLU A 22 -0.26 -1.50 19.91
N ALA A 23 -1.01 -2.07 18.98
CA ALA A 23 -2.13 -1.37 18.36
C ALA A 23 -3.16 -0.88 19.37
N SER A 24 -3.40 -1.67 20.41
CA SER A 24 -4.43 -1.38 21.42
C SER A 24 -4.17 -0.10 22.21
N GLU A 25 -2.92 0.36 22.20
CA GLU A 25 -2.52 1.59 22.87
C GLU A 25 -2.75 2.85 22.04
N TYR A 26 -3.13 2.68 20.78
CA TYR A 26 -3.44 3.81 19.90
C TYR A 26 -4.86 4.32 20.15
N GLU A 27 -5.10 5.58 19.86
CA GLU A 27 -6.44 6.14 19.91
C GLU A 27 -6.72 6.90 18.62
N THR A 28 -8.00 7.05 18.29
CA THR A 28 -8.39 7.95 17.20
C THR A 28 -8.08 9.37 17.64
N CYS A 29 -7.40 10.12 16.77
CA CYS A 29 -7.05 11.52 17.06
C CYS A 29 -7.75 12.50 16.11
N TYR A 30 -8.29 11.99 15.01
CA TYR A 30 -9.04 12.80 14.06
C TYR A 30 -9.83 11.91 13.11
N VAL A 31 -11.06 12.31 12.84
CA VAL A 31 -11.92 11.62 11.89
C VAL A 31 -12.28 12.55 10.73
N THR A 32 -12.09 12.06 9.51
CA THR A 32 -12.52 12.79 8.32
C THR A 32 -13.54 11.99 7.51
N SER A 33 -14.35 12.70 6.75
CA SER A 33 -15.45 12.06 6.06
C SER A 33 -15.46 12.41 4.58
N HIS A 34 -15.47 11.36 3.75
CA HIS A 34 -15.74 11.49 2.32
C HIS A 34 -17.21 11.32 2.06
N LYS A 35 -17.64 11.60 0.82
CA LYS A 35 -19.04 11.43 0.43
C LYS A 35 -19.35 10.03 -0.10
N GLY A 36 -18.31 9.20 -0.23
CA GLY A 36 -18.46 7.80 -0.57
C GLY A 36 -17.48 6.96 0.23
N PRO A 37 -17.52 5.62 0.09
CA PRO A 37 -16.59 4.75 0.79
C PRO A 37 -15.13 5.19 0.59
N CYS A 38 -14.32 5.07 1.64
CA CYS A 38 -12.91 5.46 1.58
C CYS A 38 -12.07 4.20 1.57
N ARG A 39 -11.37 3.94 0.47
CA ARG A 39 -10.71 2.64 0.28
C ARG A 39 -9.22 2.72 0.01
N VAL A 40 -8.65 3.92 0.14
CA VAL A 40 -7.21 4.11 0.01
C VAL A 40 -6.71 5.29 0.85
N ALA A 41 -5.54 5.08 1.46
CA ALA A 41 -4.75 6.13 2.06
C ALA A 41 -3.29 5.80 1.84
N THR A 42 -2.44 6.82 1.88
CA THR A 42 -1.00 6.63 1.85
C THR A 42 -0.29 7.69 2.66
N TYR A 43 0.86 7.32 3.22
CA TYR A 43 1.73 8.24 3.94
C TYR A 43 2.76 8.83 3.00
N SER A 44 3.06 10.11 3.18
CA SER A 44 4.26 10.68 2.56
C SER A 44 5.47 10.00 3.19
N ARG A 45 6.58 9.94 2.45
CA ARG A 45 7.76 9.21 2.89
C ARG A 45 8.31 9.73 4.22
N ASP A 46 8.20 11.04 4.42
CA ASP A 46 8.62 11.68 5.67
C ASP A 46 7.62 11.48 6.80
N GLY A 47 6.41 11.04 6.45
CA GLY A 47 5.39 10.69 7.44
C GLY A 47 4.55 11.82 7.97
N GLN A 48 4.74 13.03 7.42
CA GLN A 48 4.01 14.20 7.88
C GLN A 48 2.61 14.30 7.28
N LEU A 49 2.47 13.76 6.08
CA LEU A 49 1.22 13.89 5.35
C LEU A 49 0.57 12.53 5.10
N ILE A 50 -0.76 12.54 5.07
CA ILE A 50 -1.56 11.40 4.64
C ILE A 50 -2.56 11.86 3.58
N ALA A 51 -2.68 11.08 2.51
CA ALA A 51 -3.67 11.32 1.48
C ALA A 51 -4.71 10.21 1.55
N THR A 52 -5.99 10.58 1.43
CA THR A 52 -7.08 9.61 1.40
C THR A 52 -7.87 9.73 0.11
N GLY A 53 -8.34 8.58 -0.37
CA GLY A 53 -9.12 8.53 -1.60
C GLY A 53 -10.43 7.83 -1.39
N SER A 54 -11.41 8.16 -2.21
CA SER A 54 -12.76 7.67 -2.00
C SER A 54 -13.46 7.24 -3.27
N ALA A 55 -14.53 6.47 -3.10
CA ALA A 55 -15.44 6.19 -4.20
C ALA A 55 -16.18 7.44 -4.69
N ASP A 56 -16.17 8.52 -3.90
CA ASP A 56 -16.72 9.80 -4.35
C ASP A 56 -15.75 10.52 -5.32
N ALA A 57 -14.69 9.80 -5.70
CA ALA A 57 -13.70 10.24 -6.70
C ALA A 57 -12.83 11.43 -6.26
N SER A 58 -12.90 11.81 -4.99
CA SER A 58 -12.11 12.91 -4.45
C SER A 58 -10.95 12.44 -3.57
N ILE A 59 -10.00 13.36 -3.38
CA ILE A 59 -8.81 13.10 -2.60
C ILE A 59 -8.59 14.16 -1.52
N LYS A 60 -8.32 13.71 -0.31
CA LYS A 60 -7.97 14.62 0.79
C LYS A 60 -6.49 14.47 1.08
N ILE A 61 -5.83 15.58 1.37
CA ILE A 61 -4.49 15.52 1.93
C ILE A 61 -4.58 16.08 3.34
N LEU A 62 -3.98 15.35 4.27
CA LEU A 62 -4.11 15.62 5.69
C LEU A 62 -2.76 15.80 6.34
N ASP A 63 -2.64 16.84 7.17
CA ASP A 63 -1.43 17.06 7.94
C ASP A 63 -1.54 16.38 9.31
N THR A 64 -0.65 15.41 9.55
CA THR A 64 -0.66 14.63 10.78
C THR A 64 -0.46 15.46 12.05
N GLU A 65 0.33 16.53 11.95
CA GLU A 65 0.58 17.40 13.10
C GLU A 65 -0.67 18.17 13.50
N ARG A 66 -1.41 18.66 12.50
CA ARG A 66 -2.68 19.35 12.74
C ARG A 66 -3.71 18.41 13.34
N MET A 67 -3.70 17.16 12.87
CA MET A 67 -4.56 16.12 13.40
C MET A 67 -4.24 15.77 14.86
N LEU A 68 -2.97 15.85 15.23
CA LEU A 68 -2.56 15.64 16.62
C LEU A 68 -2.95 16.82 17.51
N ALA A 69 -2.82 18.04 16.97
CA ALA A 69 -3.12 19.27 17.72
C ALA A 69 -4.63 19.48 17.83
N ASN A 89 -6.67 25.74 12.71
CA ASN A 89 -6.30 25.46 11.32
C ASN A 89 -6.62 24.02 10.89
N HIS A 90 -7.41 23.91 9.82
CA HIS A 90 -8.00 22.64 9.40
C HIS A 90 -7.00 21.61 8.96
N PRO A 91 -7.08 20.39 9.54
CA PRO A 91 -6.19 19.29 9.21
C PRO A 91 -6.20 18.89 7.73
N VAL A 92 -7.37 19.04 7.09
CA VAL A 92 -7.50 18.82 5.65
C VAL A 92 -6.89 20.03 4.95
N ILE A 93 -5.62 19.91 4.58
CA ILE A 93 -4.92 21.03 3.96
C ILE A 93 -5.16 21.09 2.44
N ARG A 94 -5.60 19.97 1.87
CA ARG A 94 -5.85 19.89 0.44
C ARG A 94 -7.06 19.02 0.13
N THR A 95 -7.82 19.43 -0.89
CA THR A 95 -8.80 18.55 -1.52
C THR A 95 -8.63 18.61 -3.03
N LEU A 96 -8.61 17.45 -3.67
CA LEU A 96 -8.35 17.36 -5.11
C LEU A 96 -9.47 16.60 -5.82
N TYR A 97 -9.93 17.18 -6.93
CA TYR A 97 -11.07 16.64 -7.67
C TYR A 97 -10.76 16.55 -9.16
N ASP A 98 -10.08 15.47 -9.56
CA ASP A 98 -9.80 15.23 -10.97
C ASP A 98 -9.92 13.75 -11.33
N HIS A 99 -11.00 13.15 -10.84
CA HIS A 99 -11.36 11.79 -11.22
C HIS A 99 -12.85 11.75 -11.35
N VAL A 100 -13.35 10.81 -12.14
CA VAL A 100 -14.79 10.68 -12.36
C VAL A 100 -15.27 9.30 -11.95
N ASP A 101 -14.45 8.62 -11.16
CA ASP A 101 -14.76 7.31 -10.61
C ASP A 101 -13.82 7.07 -9.42
N GLU A 102 -14.15 6.10 -8.59
CA GLU A 102 -13.37 5.74 -7.40
C GLU A 102 -11.86 5.82 -7.60
N VAL A 103 -11.20 6.59 -6.75
CA VAL A 103 -9.75 6.53 -6.66
C VAL A 103 -9.37 5.30 -5.81
N THR A 104 -8.40 4.55 -6.31
CA THR A 104 -8.08 3.21 -5.79
C THR A 104 -6.67 3.11 -5.26
N CYS A 105 -5.81 4.06 -5.62
CA CYS A 105 -4.40 4.03 -5.21
C CYS A 105 -3.76 5.41 -5.19
N LEU A 106 -2.80 5.59 -4.29
CA LEU A 106 -2.11 6.86 -4.14
C LEU A 106 -0.65 6.65 -3.76
N ALA A 107 0.18 7.58 -4.22
CA ALA A 107 1.60 7.58 -3.89
C ALA A 107 2.12 9.01 -3.91
N PHE A 108 2.69 9.45 -2.79
CA PHE A 108 3.36 10.74 -2.72
C PHE A 108 4.69 10.70 -3.47
N HIS A 109 4.98 11.76 -4.25
CA HIS A 109 6.30 11.95 -4.82
C HIS A 109 7.31 12.05 -3.70
N PRO A 110 8.46 11.37 -3.85
CA PRO A 110 9.46 11.33 -2.78
C PRO A 110 10.15 12.66 -2.45
N THR A 111 10.20 13.60 -3.39
CA THR A 111 10.91 14.87 -3.15
C THR A 111 10.05 16.10 -3.42
N GLU A 112 9.07 15.94 -4.29
CA GLU A 112 8.26 17.05 -4.77
C GLU A 112 6.86 17.01 -4.14
N GLN A 113 6.22 18.17 -4.06
CA GLN A 113 4.84 18.28 -3.59
C GLN A 113 3.88 17.83 -4.69
N ILE A 114 4.01 16.56 -5.05
CA ILE A 114 3.20 15.92 -6.07
C ILE A 114 2.61 14.65 -5.48
N LEU A 115 1.33 14.43 -5.79
CA LEU A 115 0.66 13.19 -5.44
C LEU A 115 0.26 12.49 -6.72
N ALA A 116 0.60 11.21 -6.81
CA ALA A 116 0.12 10.38 -7.89
C ALA A 116 -1.15 9.68 -7.44
N SER A 117 -2.13 9.67 -8.34
CA SER A 117 -3.43 9.11 -8.06
C SER A 117 -3.86 8.14 -9.16
N GLY A 118 -4.47 7.03 -8.77
CA GLY A 118 -4.95 6.03 -9.74
C GLY A 118 -6.40 5.72 -9.48
N SER A 119 -7.18 5.57 -10.56
CA SER A 119 -8.63 5.43 -10.42
C SER A 119 -9.22 4.29 -11.24
N ARG A 120 -10.44 3.92 -10.88
CA ARG A 120 -11.28 3.05 -11.71
C ARG A 120 -11.73 3.76 -12.99
N ASP A 121 -11.46 5.07 -13.10
CA ASP A 121 -11.75 5.82 -14.34
C ASP A 121 -10.62 5.68 -15.38
N TYR A 122 -9.73 4.72 -15.14
CA TYR A 122 -8.68 4.32 -16.08
C TYR A 122 -7.53 5.33 -16.18
N THR A 123 -7.49 6.32 -15.29
CA THR A 123 -6.44 7.32 -15.36
C THR A 123 -5.49 7.28 -14.18
N LEU A 124 -4.26 7.70 -14.46
CA LEU A 124 -3.29 7.99 -13.44
C LEU A 124 -3.08 9.49 -13.47
N LYS A 125 -3.44 10.15 -12.37
CA LYS A 125 -3.31 11.60 -12.29
C LYS A 125 -2.14 12.01 -11.42
N LEU A 126 -1.48 13.10 -11.83
CA LEU A 126 -0.44 13.74 -11.02
C LEU A 126 -0.89 15.11 -10.56
N PHE A 127 -0.97 15.28 -9.25
CA PHE A 127 -1.38 16.54 -8.64
C PHE A 127 -0.19 17.26 -8.04
N ASP A 128 -0.04 18.52 -8.39
CA ASP A 128 0.92 19.40 -7.75
C ASP A 128 0.14 20.09 -6.63
N TYR A 129 0.45 19.73 -5.38
CA TYR A 129 -0.31 20.24 -4.25
C TYR A 129 0.36 21.38 -3.47
N SER A 130 1.43 21.95 -4.03
CA SER A 130 2.14 23.06 -3.37
C SER A 130 1.22 24.25 -3.08
N LYS A 131 0.30 24.54 -3.99
CA LYS A 131 -0.70 25.59 -3.80
C LYS A 131 -2.00 25.04 -3.20
N PRO A 132 -2.46 25.67 -2.08
CA PRO A 132 -3.70 25.33 -1.38
C PRO A 132 -4.92 25.26 -2.31
N SER A 133 -5.03 26.24 -3.21
CA SER A 133 -6.13 26.34 -4.17
C SER A 133 -6.20 25.22 -5.22
N ALA A 134 -5.07 24.53 -5.46
CA ALA A 134 -4.98 23.50 -6.50
C ALA A 134 -6.07 22.45 -6.39
N LYS A 135 -6.79 22.22 -7.48
CA LYS A 135 -7.91 21.26 -7.47
C LYS A 135 -7.72 20.12 -8.47
N ARG A 136 -7.20 20.43 -9.64
CA ARG A 136 -7.04 19.45 -10.72
C ARG A 136 -5.59 18.96 -10.80
N ALA A 137 -5.39 17.92 -11.62
CA ALA A 137 -4.05 17.40 -11.90
C ALA A 137 -3.42 18.13 -13.08
N PHE A 138 -2.09 18.22 -13.10
CA PHE A 138 -1.39 18.91 -14.18
C PHE A 138 -1.09 18.02 -15.39
N LYS A 139 -0.77 16.75 -15.11
CA LYS A 139 -0.58 15.75 -16.15
C LYS A 139 -1.33 14.49 -15.75
N TYR A 140 -1.69 13.69 -16.74
CA TYR A 140 -2.29 12.39 -16.47
C TYR A 140 -1.93 11.36 -17.55
N ILE A 141 -1.96 10.10 -17.15
CA ILE A 141 -1.84 8.98 -18.07
C ILE A 141 -3.19 8.29 -18.20
N GLN A 142 -3.66 8.14 -19.43
CA GLN A 142 -4.85 7.36 -19.68
C GLN A 142 -4.44 5.91 -19.88
N GLU A 143 -5.02 5.03 -19.07
CA GLU A 143 -4.66 3.61 -19.08
C GLU A 143 -5.71 2.75 -19.76
N ALA A 144 -5.32 1.51 -20.07
CA ALA A 144 -6.22 0.53 -20.69
C ALA A 144 -7.10 -0.18 -19.67
N GLU A 145 -6.59 -0.32 -18.45
CA GLU A 145 -7.33 -1.00 -17.39
C GLU A 145 -7.49 -0.10 -16.17
N MET A 146 -8.39 -0.49 -15.29
CA MET A 146 -8.55 0.19 -14.01
C MET A 146 -7.28 0.02 -13.18
N LEU A 147 -6.84 1.11 -12.56
CA LEU A 147 -5.63 1.09 -11.75
C LEU A 147 -5.94 0.53 -10.38
N ARG A 148 -5.02 -0.23 -9.84
CA ARG A 148 -5.25 -0.95 -8.59
C ARG A 148 -4.20 -0.62 -7.54
N SER A 149 -2.98 -0.35 -8.00
CA SER A 149 -1.87 -0.09 -7.10
C SER A 149 -0.73 0.62 -7.82
N ILE A 150 -0.22 1.67 -7.19
CA ILE A 150 0.93 2.37 -7.73
C ILE A 150 2.02 2.42 -6.68
N SER A 151 3.27 2.54 -7.12
CA SER A 151 4.39 2.68 -6.22
C SER A 151 5.44 3.57 -6.87
N PHE A 152 5.68 4.74 -6.27
CA PHE A 152 6.73 5.63 -6.73
C PHE A 152 8.10 5.03 -6.54
N HIS A 153 8.92 5.16 -7.57
CA HIS A 153 10.34 4.93 -7.41
C HIS A 153 10.87 6.01 -6.50
N PRO A 154 11.72 5.63 -5.53
CA PRO A 154 12.27 6.57 -4.55
C PRO A 154 13.01 7.77 -5.16
N SER A 155 13.47 7.65 -6.41
CA SER A 155 14.03 8.80 -7.13
C SER A 155 12.95 9.81 -7.51
N GLY A 156 11.74 9.32 -7.73
CA GLY A 156 10.62 10.17 -8.15
C GLY A 156 10.47 10.30 -9.65
N ASP A 157 11.32 9.58 -10.39
CA ASP A 157 11.35 9.69 -11.84
C ASP A 157 10.49 8.62 -12.51
N PHE A 158 10.10 7.62 -11.72
CA PHE A 158 9.33 6.49 -12.23
C PHE A 158 8.21 6.08 -11.28
N ILE A 159 7.21 5.41 -11.83
CA ILE A 159 6.08 4.91 -11.07
C ILE A 159 5.73 3.50 -11.55
N LEU A 160 5.67 2.55 -10.62
CA LEU A 160 5.18 1.22 -10.94
C LEU A 160 3.66 1.24 -10.89
N VAL A 161 3.03 0.58 -11.84
CA VAL A 161 1.58 0.61 -11.96
C VAL A 161 1.00 -0.80 -12.11
N GLY A 162 0.22 -1.20 -11.12
CA GLY A 162 -0.57 -2.43 -11.22
C GLY A 162 -1.98 -2.07 -11.65
N THR A 163 -2.51 -2.84 -12.60
CA THR A 163 -3.88 -2.63 -13.08
C THR A 163 -4.68 -3.93 -12.97
N GLN A 164 -5.89 -3.94 -13.53
CA GLN A 164 -6.70 -5.16 -13.67
C GLN A 164 -6.01 -6.14 -14.62
N HIS A 165 -5.19 -5.61 -15.52
CA HIS A 165 -4.39 -6.42 -16.44
C HIS A 165 -3.23 -7.04 -15.70
N PRO A 166 -2.82 -8.27 -16.06
CA PRO A 166 -1.79 -9.02 -15.33
C PRO A 166 -0.36 -8.48 -15.43
N THR A 167 -0.08 -7.65 -16.44
CA THR A 167 1.31 -7.22 -16.65
C THR A 167 1.62 -5.89 -15.96
N LEU A 168 2.75 -5.84 -15.25
CA LEU A 168 3.12 -4.64 -14.51
C LEU A 168 3.73 -3.56 -15.41
N ARG A 169 3.29 -2.32 -15.22
CA ARG A 169 3.78 -1.16 -15.98
C ARG A 169 4.76 -0.36 -15.17
N LEU A 170 5.84 0.03 -15.85
CA LEU A 170 6.80 0.99 -15.33
C LEU A 170 6.68 2.18 -16.27
N TYR A 171 6.24 3.30 -15.73
CA TYR A 171 6.14 4.53 -16.49
C TYR A 171 7.24 5.48 -16.05
N ASP A 172 7.86 6.15 -17.02
CA ASP A 172 8.73 7.27 -16.74
C ASP A 172 7.85 8.51 -16.53
N ILE A 173 7.96 9.11 -15.34
CA ILE A 173 7.12 10.26 -14.95
C ILE A 173 7.34 11.52 -15.81
N ASN A 174 8.52 11.64 -16.42
CA ASN A 174 8.88 12.80 -17.22
C ASN A 174 8.59 12.67 -18.71
N THR A 175 8.74 11.46 -19.25
CA THR A 175 8.52 11.22 -20.68
C THR A 175 7.17 10.53 -20.98
N PHE A 176 6.55 10.00 -19.93
CA PHE A 176 5.33 9.17 -20.04
C PHE A 176 5.43 7.92 -20.92
N GLN A 177 6.66 7.53 -21.24
CA GLN A 177 6.88 6.25 -21.89
C GLN A 177 6.64 5.14 -20.89
N CYS A 178 6.16 4.00 -21.38
CA CYS A 178 5.86 2.87 -20.53
C CYS A 178 6.74 1.69 -20.92
N PHE A 179 7.14 0.90 -19.92
CA PHE A 179 8.05 -0.20 -20.15
C PHE A 179 7.56 -1.40 -19.37
N VAL A 180 7.84 -2.60 -19.88
CA VAL A 180 7.55 -3.83 -19.15
C VAL A 180 8.74 -4.77 -19.23
N SER A 181 8.76 -5.78 -18.35
CA SER A 181 9.77 -6.83 -18.40
C SER A 181 9.90 -7.38 -19.82
N CYS A 182 11.11 -7.76 -20.20
CA CYS A 182 11.36 -8.29 -21.54
C CYS A 182 10.95 -9.75 -21.64
N ASN A 183 10.70 -10.38 -20.50
CA ASN A 183 10.20 -11.75 -20.47
C ASN A 183 8.76 -11.79 -19.99
N PRO A 184 7.82 -12.13 -20.89
CA PRO A 184 6.39 -12.13 -20.60
C PRO A 184 6.00 -13.18 -19.55
N GLN A 185 6.79 -14.25 -19.45
CA GLN A 185 6.57 -15.30 -18.45
C GLN A 185 6.74 -14.81 -17.01
N ASP A 186 7.49 -13.71 -16.85
CA ASP A 186 7.62 -13.02 -15.57
C ASP A 186 6.27 -12.62 -14.99
N GLN A 187 5.37 -12.17 -15.86
CA GLN A 187 4.15 -11.50 -15.42
C GLN A 187 3.19 -12.39 -14.64
N HIS A 188 2.42 -11.75 -13.78
CA HIS A 188 1.28 -12.35 -13.10
C HIS A 188 0.29 -12.85 -14.11
N THR A 189 -0.64 -13.68 -13.64
CA THR A 189 -1.65 -14.25 -14.52
C THR A 189 -3.06 -13.80 -14.14
N ASP A 190 -3.13 -12.67 -13.43
CA ASP A 190 -4.40 -12.03 -13.04
C ASP A 190 -4.09 -10.64 -12.49
N ALA A 191 -5.14 -9.88 -12.19
CA ALA A 191 -5.02 -8.52 -11.64
C ALA A 191 -3.95 -8.40 -10.55
N ILE A 192 -3.19 -7.33 -10.65
CA ILE A 192 -2.20 -6.99 -9.64
C ILE A 192 -2.94 -6.25 -8.52
N CYS A 193 -2.70 -6.65 -7.28
CA CYS A 193 -3.39 -6.06 -6.13
C CYS A 193 -2.55 -5.01 -5.41
N SER A 194 -1.25 -5.22 -5.39
CA SER A 194 -0.36 -4.33 -4.67
C SER A 194 1.00 -4.31 -5.35
N VAL A 195 1.64 -3.15 -5.34
CA VAL A 195 3.02 -2.99 -5.80
C VAL A 195 3.77 -2.12 -4.81
N ASN A 196 4.93 -2.60 -4.39
CA ASN A 196 5.75 -1.83 -3.48
C ASN A 196 7.22 -1.99 -3.79
N TYR A 197 7.91 -0.87 -3.87
CA TYR A 197 9.36 -0.86 -3.88
C TYR A 197 9.88 -1.19 -2.48
N ASN A 198 11.09 -1.74 -2.40
CA ASN A 198 11.77 -1.81 -1.10
C ASN A 198 12.45 -0.48 -0.79
N SER A 199 13.02 -0.39 0.41
CA SER A 199 13.64 0.83 0.90
C SER A 199 14.78 1.34 0.00
N SER A 200 15.50 0.42 -0.63
CA SER A 200 16.65 0.81 -1.46
C SER A 200 16.36 0.93 -2.97
N ALA A 201 15.16 0.53 -3.39
CA ALA A 201 14.75 0.50 -4.82
C ALA A 201 15.45 -0.57 -5.66
N ASN A 202 16.24 -1.46 -5.05
CA ASN A 202 16.87 -2.52 -5.82
C ASN A 202 15.92 -3.70 -6.07
N MET A 203 14.77 -3.66 -5.39
CA MET A 203 13.74 -4.67 -5.53
C MET A 203 12.35 -4.06 -5.47
N TYR A 204 11.39 -4.79 -6.00
CA TYR A 204 10.00 -4.54 -5.69
C TYR A 204 9.21 -5.82 -5.61
N VAL A 205 8.03 -5.72 -5.00
CA VAL A 205 7.21 -6.87 -4.73
C VAL A 205 5.78 -6.60 -5.18
N THR A 206 5.19 -7.63 -5.79
CA THR A 206 3.83 -7.58 -6.28
C THR A 206 3.03 -8.73 -5.66
N GLY A 207 1.73 -8.52 -5.55
CA GLY A 207 0.77 -9.52 -5.11
C GLY A 207 -0.38 -9.44 -6.08
N SER A 208 -0.99 -10.58 -6.35
CA SER A 208 -1.97 -10.64 -7.41
C SER A 208 -3.15 -11.54 -7.04
N LYS A 209 -4.23 -11.36 -7.78
CA LYS A 209 -5.37 -12.26 -7.74
C LYS A 209 -5.01 -13.69 -8.16
N ASP A 210 -3.88 -13.87 -8.83
CA ASP A 210 -3.44 -15.21 -9.25
C ASP A 210 -2.93 -16.02 -8.06
N GLY A 211 -2.87 -15.37 -6.89
CA GLY A 211 -2.45 -16.03 -5.65
C GLY A 211 -0.95 -16.13 -5.51
N CYS A 212 -0.23 -15.36 -6.32
CA CYS A 212 1.22 -15.35 -6.27
C CYS A 212 1.75 -14.04 -5.68
N ILE A 213 2.87 -14.16 -4.96
CA ILE A 213 3.74 -13.02 -4.70
C ILE A 213 4.89 -13.13 -5.68
N LYS A 214 5.26 -12.02 -6.29
CA LYS A 214 6.42 -11.97 -7.15
C LYS A 214 7.43 -10.94 -6.68
N LEU A 215 8.68 -11.37 -6.63
CA LEU A 215 9.80 -10.51 -6.28
C LEU A 215 10.48 -10.08 -7.56
N TRP A 216 10.74 -8.78 -7.69
CA TRP A 216 11.33 -8.25 -8.91
C TRP A 216 12.60 -7.50 -8.67
N ASP A 217 13.50 -7.58 -9.65
CA ASP A 217 14.72 -6.76 -9.67
C ASP A 217 14.36 -5.33 -10.05
N GLY A 218 14.72 -4.39 -9.18
CA GLY A 218 14.38 -2.98 -9.38
C GLY A 218 15.06 -2.29 -10.56
N VAL A 219 16.20 -2.84 -11.00
CA VAL A 219 16.95 -2.27 -12.12
C VAL A 219 16.62 -3.00 -13.42
N SER A 220 16.83 -4.31 -13.40
CA SER A 220 16.52 -5.20 -14.52
C SER A 220 15.02 -5.19 -14.85
N ASN A 221 14.21 -5.08 -13.80
CA ASN A 221 12.76 -5.25 -13.87
C ASN A 221 12.33 -6.63 -14.35
N ARG A 222 13.16 -7.63 -14.03
CA ARG A 222 12.84 -9.02 -14.21
C ARG A 222 12.31 -9.57 -12.91
N CYS A 223 11.50 -10.61 -12.99
CA CYS A 223 11.01 -11.32 -11.82
C CYS A 223 12.11 -12.24 -11.28
N ILE A 224 12.56 -11.96 -10.06
CA ILE A 224 13.55 -12.79 -9.41
C ILE A 224 12.91 -14.08 -8.90
N THR A 225 11.76 -13.95 -8.24
CA THR A 225 11.12 -15.10 -7.60
C THR A 225 9.60 -15.04 -7.69
N THR A 226 8.99 -16.21 -7.82
CA THR A 226 7.56 -16.35 -7.67
C THR A 226 7.22 -17.27 -6.50
N PHE A 227 6.51 -16.72 -5.52
CA PHE A 227 5.93 -17.50 -4.45
C PHE A 227 4.52 -17.90 -4.88
N GLU A 228 4.40 -19.15 -5.32
CA GLU A 228 3.13 -19.68 -5.81
C GLU A 228 2.30 -20.18 -4.64
N LYS A 229 0.98 -20.03 -4.77
CA LYS A 229 0.03 -20.40 -3.71
C LYS A 229 0.50 -19.82 -2.38
N ALA A 230 0.88 -18.55 -2.43
CA ALA A 230 1.42 -17.83 -1.27
C ALA A 230 0.43 -17.80 -0.13
N HIS A 231 -0.86 -17.73 -0.46
CA HIS A 231 -1.93 -17.79 0.53
C HIS A 231 -2.93 -18.87 0.22
N ASP A 232 -2.39 -20.07 -0.01
CA ASP A 232 -3.18 -21.28 -0.29
C ASP A 232 -4.18 -21.13 -1.45
N GLY A 233 -3.77 -20.43 -2.50
CA GLY A 233 -4.61 -20.26 -3.68
C GLY A 233 -5.44 -19.00 -3.70
N ALA A 234 -5.69 -18.44 -2.52
CA ALA A 234 -6.48 -17.21 -2.38
C ALA A 234 -5.72 -15.99 -2.90
N GLU A 235 -6.46 -14.95 -3.30
CA GLU A 235 -5.85 -13.72 -3.78
C GLU A 235 -4.85 -13.20 -2.76
N VAL A 236 -3.74 -12.66 -3.26
CA VAL A 236 -2.80 -11.96 -2.40
C VAL A 236 -3.17 -10.48 -2.45
N CYS A 237 -3.55 -9.92 -1.31
CA CYS A 237 -4.08 -8.56 -1.24
C CYS A 237 -3.00 -7.50 -1.07
N SER A 238 -1.95 -7.84 -0.32
CA SER A 238 -0.88 -6.91 0.01
C SER A 238 0.45 -7.63 0.19
N ALA A 239 1.52 -6.93 -0.16
CA ALA A 239 2.89 -7.40 0.01
C ALA A 239 3.77 -6.19 0.24
N ILE A 240 4.45 -6.15 1.37
CA ILE A 240 5.43 -5.10 1.64
C ILE A 240 6.77 -5.68 2.05
N PHE A 241 7.79 -4.85 1.98
CA PHE A 241 9.11 -5.21 2.48
C PHE A 241 9.30 -4.77 3.92
N SER A 242 10.11 -5.52 4.65
CA SER A 242 10.67 -5.03 5.89
C SER A 242 11.77 -4.03 5.51
N LYS A 243 12.10 -3.10 6.41
CA LYS A 243 13.09 -2.04 6.13
C LYS A 243 14.44 -2.55 5.64
N ASN A 244 14.88 -3.69 6.17
CA ASN A 244 16.17 -4.26 5.77
C ASN A 244 16.07 -5.09 4.49
N SER A 245 14.87 -5.13 3.92
CA SER A 245 14.58 -5.88 2.69
C SER A 245 14.86 -7.38 2.77
N LYS A 246 15.01 -7.91 3.98
CA LYS A 246 15.21 -9.35 4.19
C LYS A 246 13.87 -10.12 4.18
N TYR A 247 12.78 -9.39 4.40
CA TYR A 247 11.47 -10.04 4.49
C TYR A 247 10.40 -9.38 3.66
N ILE A 248 9.41 -10.19 3.28
CA ILE A 248 8.17 -9.70 2.73
C ILE A 248 7.08 -10.06 3.72
N LEU A 249 6.27 -9.06 4.07
CA LEU A 249 5.02 -9.28 4.78
C LEU A 249 3.87 -9.23 3.78
N SER A 250 3.11 -10.32 3.72
CA SER A 250 1.97 -10.38 2.84
C SER A 250 0.68 -10.71 3.59
N SER A 251 -0.44 -10.43 2.94
CA SER A 251 -1.73 -10.89 3.43
C SER A 251 -2.56 -11.35 2.25
N GLY A 252 -3.45 -12.30 2.50
CA GLY A 252 -4.29 -12.86 1.44
C GLY A 252 -5.74 -12.98 1.86
N LYS A 253 -6.54 -13.56 0.98
CA LYS A 253 -7.97 -13.75 1.25
C LYS A 253 -8.23 -15.06 2.03
N ASP A 254 -7.15 -15.73 2.43
CA ASP A 254 -7.22 -16.82 3.41
C ASP A 254 -7.14 -16.22 4.82
N SER A 255 -7.16 -14.89 4.87
CA SER A 255 -7.16 -14.10 6.10
C SER A 255 -5.98 -14.44 7.02
N VAL A 256 -4.85 -14.77 6.39
CA VAL A 256 -3.63 -15.03 7.12
C VAL A 256 -2.57 -14.06 6.61
N ALA A 257 -1.82 -13.48 7.54
CA ALA A 257 -0.67 -12.67 7.20
C ALA A 257 0.56 -13.57 7.28
N LYS A 258 1.51 -13.35 6.38
CA LYS A 258 2.71 -14.17 6.34
C LYS A 258 3.96 -13.31 6.29
N LEU A 259 4.99 -13.76 7.00
CA LEU A 259 6.30 -13.18 6.89
C LEU A 259 7.20 -14.14 6.12
N TRP A 260 7.67 -13.68 4.96
CA TRP A 260 8.51 -14.47 4.07
C TRP A 260 9.93 -14.02 4.18
N GLU A 261 10.85 -14.98 4.08
CA GLU A 261 12.28 -14.70 4.00
C GLU A 261 12.70 -14.75 2.53
N ILE A 262 13.14 -13.62 2.00
CA ILE A 262 13.49 -13.54 0.57
C ILE A 262 14.61 -14.51 0.18
N SER A 263 15.65 -14.56 1.00
CA SER A 263 16.83 -15.41 0.79
C SER A 263 16.51 -16.87 0.50
N THR A 264 15.55 -17.41 1.25
CA THR A 264 15.22 -18.83 1.19
C THR A 264 13.92 -19.08 0.41
N GLY A 265 13.10 -18.03 0.30
CA GLY A 265 11.82 -18.12 -0.38
C GLY A 265 10.72 -18.76 0.47
N ARG A 266 10.97 -18.93 1.76
CA ARG A 266 10.03 -19.60 2.66
C ARG A 266 9.29 -18.67 3.62
N THR A 267 8.12 -19.11 4.06
CA THR A 267 7.38 -18.49 5.14
C THR A 267 8.05 -18.82 6.47
N LEU A 268 8.40 -17.78 7.22
CA LEU A 268 9.02 -17.93 8.52
C LEU A 268 7.99 -17.82 9.65
N VAL A 269 7.03 -16.92 9.46
CA VAL A 269 6.01 -16.65 10.47
C VAL A 269 4.63 -16.60 9.84
N ARG A 270 3.66 -17.20 10.54
CA ARG A 270 2.27 -17.20 10.14
C ARG A 270 1.45 -16.43 11.17
N TYR A 271 0.79 -15.36 10.75
CA TYR A 271 -0.06 -14.57 11.65
C TYR A 271 -1.52 -14.96 11.46
N THR A 272 -2.03 -15.81 12.36
CA THR A 272 -3.37 -16.38 12.21
C THR A 272 -4.35 -15.82 13.24
N GLY A 273 -5.64 -16.04 12.99
CA GLY A 273 -6.68 -15.61 13.91
C GLY A 273 -7.75 -14.73 13.30
N ALA A 274 -7.39 -13.95 12.29
CA ALA A 274 -8.35 -13.06 11.64
C ALA A 274 -9.25 -13.82 10.66
N GLY A 275 -10.25 -13.11 10.12
CA GLY A 275 -11.14 -13.67 9.12
C GLY A 275 -12.43 -14.23 9.67
N LEU A 276 -13.00 -15.16 8.91
CA LEU A 276 -14.34 -15.68 9.17
C LEU A 276 -14.63 -16.90 8.28
N SER A 277 -15.69 -17.62 8.59
CA SER A 277 -16.16 -18.71 7.74
C SER A 277 -17.43 -18.30 7.01
N GLY A 278 -17.69 -18.93 5.87
CA GLY A 278 -18.90 -18.67 5.09
C GLY A 278 -18.90 -17.83 3.84
N ARG A 279 -18.09 -16.76 3.84
CA ARG A 279 -18.05 -15.83 2.71
C ARG A 279 -16.59 -15.46 2.50
N GLN A 280 -16.26 -15.07 1.27
CA GLN A 280 -14.95 -14.54 0.95
C GLN A 280 -14.80 -13.17 1.63
N VAL A 281 -13.62 -12.92 2.18
CA VAL A 281 -13.33 -11.60 2.76
C VAL A 281 -13.05 -10.58 1.67
N HIS A 282 -13.30 -9.30 1.95
CA HIS A 282 -12.88 -8.23 1.06
C HIS A 282 -11.39 -8.01 1.16
N ARG A 283 -10.83 -7.25 0.23
CA ARG A 283 -9.40 -6.96 0.22
C ARG A 283 -8.99 -6.02 1.35
N THR A 284 -7.96 -6.42 2.11
CA THR A 284 -7.34 -5.53 3.09
C THR A 284 -5.83 -5.77 3.27
N GLN A 285 -5.11 -4.76 3.77
CA GLN A 285 -3.64 -4.78 3.93
C GLN A 285 -3.20 -5.37 5.27
N ALA A 286 -2.09 -6.10 5.26
CA ALA A 286 -1.32 -6.33 6.48
C ALA A 286 -0.11 -5.39 6.49
N VAL A 287 0.04 -4.62 7.58
CA VAL A 287 1.14 -3.67 7.68
C VAL A 287 2.01 -3.93 8.90
N PHE A 288 3.23 -3.41 8.85
CA PHE A 288 4.06 -3.29 10.03
C PHE A 288 3.73 -1.95 10.71
N ASN A 289 3.99 -1.86 12.01
CA ASN A 289 4.09 -0.56 12.64
C ASN A 289 5.47 0.02 12.28
N HIS A 290 5.74 1.25 12.70
CA HIS A 290 6.94 1.96 12.26
C HIS A 290 8.25 1.27 12.61
N THR A 291 8.27 0.51 13.70
CA THR A 291 9.47 -0.22 14.09
C THR A 291 9.45 -1.68 13.64
N GLU A 292 8.33 -2.10 13.05
CA GLU A 292 8.14 -3.49 12.59
C GLU A 292 8.16 -4.50 13.74
N ASP A 293 7.85 -4.04 14.94
CA ASP A 293 7.63 -4.93 16.07
C ASP A 293 6.29 -5.65 15.95
N TYR A 294 5.36 -5.07 15.22
CA TYR A 294 4.00 -5.62 15.13
C TYR A 294 3.48 -5.72 13.71
N VAL A 295 2.68 -6.76 13.49
CA VAL A 295 1.94 -6.91 12.26
C VAL A 295 0.50 -6.54 12.56
N LEU A 296 -0.07 -5.71 11.71
CA LEU A 296 -1.43 -5.24 11.89
C LEU A 296 -2.29 -5.61 10.70
N LEU A 297 -3.44 -6.22 10.98
CA LEU A 297 -4.38 -6.66 9.94
C LEU A 297 -5.79 -6.38 10.43
N PRO A 298 -6.56 -5.60 9.64
CA PRO A 298 -7.94 -5.35 10.04
C PRO A 298 -8.78 -6.63 9.90
N ASP A 299 -9.59 -6.91 10.90
CA ASP A 299 -10.51 -8.03 10.81
C ASP A 299 -11.90 -7.56 10.44
N GLU A 300 -12.44 -8.14 9.38
CA GLU A 300 -13.75 -7.78 8.86
C GLU A 300 -14.91 -8.33 9.68
N ARG A 301 -14.66 -9.43 10.39
CA ARG A 301 -15.69 -10.10 11.19
C ARG A 301 -16.16 -9.21 12.36
N THR A 302 -15.23 -8.44 12.92
CA THR A 302 -15.48 -7.66 14.12
C THR A 302 -15.26 -6.16 13.95
N ILE A 303 -14.80 -5.75 12.77
CA ILE A 303 -14.33 -4.38 12.51
C ILE A 303 -13.32 -3.97 13.59
N SER A 304 -12.35 -4.84 13.81
CA SER A 304 -11.29 -4.59 14.76
C SER A 304 -9.94 -4.90 14.12
N LEU A 305 -8.88 -4.39 14.73
CA LEU A 305 -7.55 -4.56 14.20
C LEU A 305 -6.84 -5.66 14.97
N CYS A 306 -6.54 -6.74 14.26
CA CYS A 306 -5.67 -7.78 14.80
C CYS A 306 -4.26 -7.28 14.88
N CYS A 307 -3.58 -7.66 15.95
CA CYS A 307 -2.21 -7.24 16.19
C CYS A 307 -1.42 -8.41 16.75
N TRP A 308 -0.30 -8.72 16.09
CA TRP A 308 0.59 -9.79 16.50
C TRP A 308 1.96 -9.25 16.72
N ASP A 309 2.69 -9.87 17.64
CA ASP A 309 4.13 -9.69 17.71
C ASP A 309 4.70 -10.24 16.40
N SER A 310 5.56 -9.46 15.75
CA SER A 310 6.10 -9.81 14.44
C SER A 310 7.07 -10.99 14.51
N ARG A 311 7.89 -11.04 15.55
CA ARG A 311 8.94 -12.05 15.66
C ARG A 311 8.45 -13.45 16.04
N THR A 312 7.38 -13.51 16.83
CA THR A 312 6.91 -14.77 17.40
C THR A 312 5.51 -15.19 16.93
N ALA A 313 4.77 -14.25 16.33
CA ALA A 313 3.37 -14.45 15.94
C ALA A 313 2.41 -14.50 17.14
N GLU A 314 2.86 -14.02 18.29
CA GLU A 314 2.01 -13.96 19.47
C GLU A 314 0.93 -12.90 19.32
N ARG A 315 -0.31 -13.33 19.53
CA ARG A 315 -1.48 -12.47 19.41
C ARG A 315 -1.48 -11.46 20.55
N ARG A 316 -1.51 -10.18 20.20
CA ARG A 316 -1.64 -9.14 21.21
C ARG A 316 -3.08 -8.62 21.23
N ASN A 317 -3.32 -7.55 21.96
CA ASN A 317 -4.68 -7.06 22.17
C ASN A 317 -5.36 -6.59 20.91
N LEU A 318 -6.65 -6.92 20.80
CA LEU A 318 -7.46 -6.50 19.68
C LEU A 318 -7.77 -5.01 19.82
N LEU A 319 -7.72 -4.29 18.70
CA LEU A 319 -8.07 -2.88 18.73
C LEU A 319 -9.41 -2.64 18.06
N SER A 320 -10.40 -2.22 18.85
CA SER A 320 -11.70 -1.82 18.31
C SER A 320 -11.53 -0.55 17.49
N LEU A 321 -11.91 -0.59 16.23
CA LEU A 321 -11.61 0.50 15.30
C LEU A 321 -12.63 1.64 15.27
N GLY A 322 -13.85 1.35 15.73
CA GLY A 322 -14.91 2.34 15.76
C GLY A 322 -15.52 2.65 14.42
N HIS A 323 -15.28 1.78 13.44
CA HIS A 323 -15.84 1.94 12.11
C HIS A 323 -17.13 1.22 11.97
N ASN A 324 -18.05 1.82 11.22
CA ASN A 324 -19.38 1.25 11.02
C ASN A 324 -19.50 0.31 9.82
N ASN A 325 -18.38 0.17 9.11
CA ASN A 325 -18.26 -0.82 8.07
C ASN A 325 -16.80 -1.28 7.91
N ILE A 326 -16.59 -2.23 7.02
CA ILE A 326 -15.30 -2.84 6.73
C ILE A 326 -14.20 -1.80 6.44
N VAL A 327 -13.00 -2.09 6.94
CA VAL A 327 -11.82 -1.30 6.64
C VAL A 327 -11.06 -1.97 5.50
N ARG A 328 -11.04 -1.32 4.34
CA ARG A 328 -10.38 -1.88 3.17
C ARG A 328 -8.93 -1.42 3.07
N CYS A 329 -8.62 -0.33 3.76
CA CYS A 329 -7.26 0.17 3.75
C CYS A 329 -6.75 0.59 5.12
N ILE A 330 -5.54 0.11 5.41
CA ILE A 330 -4.78 0.57 6.56
C ILE A 330 -3.35 0.90 6.14
N VAL A 331 -2.90 2.10 6.45
CA VAL A 331 -1.51 2.45 6.24
C VAL A 331 -0.90 2.92 7.56
N HIS A 332 0.27 2.39 7.89
CA HIS A 332 0.96 2.81 9.10
C HIS A 332 2.04 3.79 8.75
N SER A 333 2.19 4.79 9.61
CA SER A 333 3.29 5.74 9.52
C SER A 333 4.64 5.03 9.47
N PRO A 334 5.54 5.52 8.60
CA PRO A 334 6.89 4.96 8.53
C PRO A 334 7.78 5.42 9.70
N THR A 335 7.45 6.57 10.28
CA THR A 335 8.29 7.22 11.30
C THR A 335 7.69 7.24 12.71
N ASN A 336 6.37 7.24 12.82
CA ASN A 336 5.68 7.46 14.10
C ASN A 336 4.73 6.32 14.46
N PRO A 337 4.34 6.22 15.76
CA PRO A 337 3.24 5.32 16.10
C PRO A 337 1.90 5.95 15.69
N GLY A 338 1.67 6.00 14.39
CA GLY A 338 0.43 6.54 13.83
C GLY A 338 0.01 5.67 12.67
N PHE A 339 -1.30 5.53 12.48
CA PHE A 339 -1.82 4.90 11.27
C PHE A 339 -3.19 5.45 10.88
N MET A 340 -3.57 5.20 9.64
CA MET A 340 -4.85 5.62 9.11
C MET A 340 -5.66 4.38 8.80
N THR A 341 -6.92 4.37 9.21
CA THR A 341 -7.86 3.34 8.76
C THR A 341 -8.91 3.94 7.82
N CYS A 342 -9.11 3.30 6.68
CA CYS A 342 -10.07 3.74 5.68
C CYS A 342 -11.23 2.77 5.61
N SER A 343 -12.45 3.29 5.72
CA SER A 343 -13.62 2.44 5.80
C SER A 343 -14.67 2.72 4.72
N ASP A 344 -15.47 1.69 4.43
CA ASP A 344 -16.65 1.81 3.59
C ASP A 344 -17.73 2.68 4.26
N ASP A 345 -17.59 2.95 5.56
CA ASP A 345 -18.48 3.92 6.23
C ASP A 345 -18.25 5.37 5.78
N PHE A 346 -17.37 5.57 4.79
CA PHE A 346 -17.07 6.87 4.18
C PHE A 346 -16.02 7.67 4.95
N ARG A 347 -15.46 7.05 5.98
CA ARG A 347 -14.66 7.78 6.93
C ARG A 347 -13.25 7.22 6.97
N ALA A 348 -12.32 8.12 7.25
CA ALA A 348 -10.93 7.75 7.52
C ALA A 348 -10.59 8.23 8.92
N ARG A 349 -10.05 7.31 9.72
CA ARG A 349 -9.70 7.58 11.10
C ARG A 349 -8.20 7.59 11.27
N PHE A 350 -7.69 8.68 11.83
CA PHE A 350 -6.28 8.79 12.12
C PHE A 350 -6.00 8.35 13.56
N TRP A 351 -5.08 7.40 13.67
CA TRP A 351 -4.73 6.77 14.93
C TRP A 351 -3.35 7.15 15.33
N TYR A 352 -3.17 7.29 16.64
CA TYR A 352 -1.89 7.64 17.20
C TYR A 352 -1.85 7.18 18.65
N ARG A 353 -0.68 6.73 19.09
CA ARG A 353 -0.43 6.50 20.50
C ARG A 353 0.00 7.83 21.12
N ARG A 354 -0.91 8.44 21.88
CA ARG A 354 -0.61 9.67 22.61
C ARG A 354 -0.01 9.33 23.97
N TYR B 1 19.72 6.17 -4.98
CA TYR B 1 18.96 4.97 -5.40
C TYR B 1 19.36 4.59 -6.82
N PRO B 2 19.44 3.27 -7.11
CA PRO B 2 19.64 2.87 -8.50
C PRO B 2 18.38 3.21 -9.28
N LYS B 3 18.47 3.27 -10.61
CA LYS B 3 17.29 3.52 -11.44
C LYS B 3 16.94 2.32 -12.31
N PRO B 4 15.65 2.21 -12.74
CA PRO B 4 15.31 1.09 -13.61
C PRO B 4 16.03 1.22 -14.94
N ASP B 5 16.57 0.11 -15.44
CA ASP B 5 17.28 0.09 -16.71
C ASP B 5 16.28 -0.15 -17.83
N THR B 6 15.73 0.95 -18.35
CA THR B 6 14.65 0.88 -19.34
C THR B 6 15.07 0.23 -20.67
N GLN B 7 16.37 0.32 -21.00
CA GLN B 7 16.94 -0.33 -22.18
C GLN B 7 16.91 -1.87 -22.08
N GLN B 8 17.08 -2.40 -20.87
CA GLN B 8 16.89 -3.82 -20.60
C GLN B 8 15.40 -4.21 -20.65
N MET B 9 14.54 -3.23 -20.91
CA MET B 9 13.09 -3.45 -20.95
C MET B 9 12.53 -3.15 -22.34
N ILE B 10 11.28 -3.54 -22.56
CA ILE B 10 10.61 -3.29 -23.83
C ILE B 10 9.49 -2.27 -23.64
N PRO B 11 9.32 -1.34 -24.61
CA PRO B 11 8.21 -0.39 -24.51
C PRO B 11 6.88 -1.11 -24.52
N PHE B 12 5.89 -0.50 -23.87
CA PHE B 12 4.57 -1.09 -23.75
C PHE B 12 3.54 -0.02 -24.00
N GLN B 13 2.54 -0.35 -24.81
CA GLN B 13 1.46 0.57 -25.11
C GLN B 13 0.10 -0.05 -24.79
N PRO B 14 -0.55 0.41 -23.71
CA PRO B 14 -1.90 -0.01 -23.34
C PRO B 14 -2.99 0.42 -24.33
#